data_5T6W
#
_entry.id   5T6W
#
_cell.length_a   50.790
_cell.length_b   81.180
_cell.length_c   109.790
_cell.angle_alpha   90.00
_cell.angle_beta   90.00
_cell.angle_gamma   90.00
#
_symmetry.space_group_name_H-M   'P 21 21 21'
#
loop_
_entity.id
_entity.type
_entity.pdbx_description
1 polymer 'HLA class I histocompatibility antigen, B-57 alpha chain'
2 polymer Beta-2-microglobulin
3 polymer 'Decapeptide: SER-SER-THR-ARG-GLY-ILE-SER-GLN-LEU-TRP'
4 non-polymer GLYCEROL
5 water water
#
loop_
_entity_poly.entity_id
_entity_poly.type
_entity_poly.pdbx_seq_one_letter_code
_entity_poly.pdbx_strand_id
1 'polypeptide(L)'
;GSHSMRYFYTAMSRPGRGEPRFIAVGYVDDTQFVRFDSDAASPRMAPRAPWIEQEGPEYWDGETRNMKASAQTYRENLRI
ALRYYNQSEAGSHIIQVMYGCDVGPDGRLLRGHDQSAYDGKDYIALNEDLSSWTAADTAAQITQRKWEAARVAEQLRAYL
EGLCVEWLRRYLENGKETLQRADPPKTHVTHHPISDHEATLRCWALGFYPAEITLTWQRDGEDQTQDTELVETRPAGDRT
FQKWAAVVVPSGEEQRYTCHVQHEGLPKPLTLRWEP
;
A
2 'polypeptide(L)'
;IQRTPKIQVYSRHPAENGKSNFLNCYVSGFHPSDIEVDLLKNGERIEKVEHSDLSFSKDWSFYLLYYTEFTPTEKDEYAC
RVNHVTLSQPKIVKWDRDM
;
B
3 'polypeptide(L)' SSTRGISQLW C
#
# COMPACT_ATOMS: atom_id res chain seq x y z
N GLY A 1 6.45 7.91 18.22
CA GLY A 1 6.29 6.47 18.06
C GLY A 1 7.48 6.03 17.28
N SER A 2 7.43 4.83 16.68
CA SER A 2 8.52 4.34 15.88
C SER A 2 8.24 4.60 14.45
N HIS A 3 9.25 4.41 13.63
CA HIS A 3 9.17 4.80 12.26
C HIS A 3 9.93 3.85 11.35
N SER A 4 9.51 3.87 10.10
CA SER A 4 10.05 3.00 9.09
C SER A 4 10.30 3.78 7.82
N MET A 5 11.35 3.41 7.11
CA MET A 5 11.53 3.84 5.73
C MET A 5 11.55 2.60 4.84
N ARG A 6 10.80 2.63 3.74
CA ARG A 6 10.72 1.53 2.80
C ARG A 6 10.82 2.03 1.39
N TYR A 7 11.60 1.33 0.58
CA TYR A 7 11.53 1.47 -0.87
C TYR A 7 10.91 0.21 -1.47
N PHE A 8 10.09 0.39 -2.50
CA PHE A 8 9.41 -0.71 -3.16
C PHE A 8 9.74 -0.62 -4.64
N TYR A 9 10.31 -1.69 -5.20
CA TYR A 9 10.59 -1.76 -6.64
C TYR A 9 9.69 -2.76 -7.31
N THR A 10 9.24 -2.45 -8.50
CA THR A 10 8.43 -3.37 -9.28
C THR A 10 8.96 -3.39 -10.72
N ALA A 11 9.38 -4.57 -11.18
CA ALA A 11 9.86 -4.74 -12.54
C ALA A 11 8.99 -5.76 -13.22
N MET A 12 8.47 -5.41 -14.40
CA MET A 12 7.54 -6.28 -15.08
C MET A 12 7.92 -6.37 -16.55
N SER A 13 8.23 -7.58 -16.99
CA SER A 13 8.51 -7.80 -18.40
C SER A 13 7.21 -7.79 -19.18
N ARG A 14 7.32 -7.54 -20.48
CA ARG A 14 6.16 -7.41 -21.35
C ARG A 14 6.67 -7.71 -22.76
N PRO A 15 6.84 -8.99 -23.07
CA PRO A 15 7.41 -9.37 -24.37
C PRO A 15 6.57 -8.83 -25.52
N GLY A 16 7.24 -8.27 -26.52
CA GLY A 16 6.58 -7.72 -27.69
C GLY A 16 6.16 -6.27 -27.44
N ARG A 17 6.28 -5.83 -26.19
CA ARG A 17 5.86 -4.49 -25.83
C ARG A 17 7.00 -3.70 -25.22
N GLY A 18 8.20 -3.91 -25.75
CA GLY A 18 9.39 -3.20 -25.31
C GLY A 18 10.03 -3.80 -24.06
N GLU A 19 10.92 -3.04 -23.43
CA GLU A 19 11.68 -3.50 -22.27
C GLU A 19 10.84 -3.45 -20.99
N PRO A 20 11.25 -4.22 -19.96
CA PRO A 20 10.50 -4.24 -18.69
C PRO A 20 10.31 -2.85 -18.10
N ARG A 21 9.14 -2.62 -17.55
CA ARG A 21 8.85 -1.36 -16.88
C ARG A 21 9.45 -1.46 -15.47
N PHE A 22 10.10 -0.40 -15.02
CA PHE A 22 10.62 -0.37 -13.65
C PHE A 22 10.01 0.80 -12.92
N ILE A 23 9.30 0.52 -11.84
CA ILE A 23 8.74 1.60 -11.04
C ILE A 23 9.19 1.45 -9.60
N ALA A 24 9.53 2.57 -8.97
CA ALA A 24 10.04 2.58 -7.62
C ALA A 24 9.33 3.67 -6.83
N VAL A 25 8.89 3.32 -5.64
CA VAL A 25 8.32 4.29 -4.72
C VAL A 25 9.02 4.21 -3.37
N GLY A 26 9.17 5.36 -2.71
CA GLY A 26 9.71 5.43 -1.38
C GLY A 26 8.69 5.93 -0.36
N TYR A 27 8.67 5.30 0.81
CA TYR A 27 7.78 5.68 1.91
C TYR A 27 8.53 5.93 3.22
N VAL A 28 8.01 6.88 3.98
CA VAL A 28 8.31 6.97 5.40
C VAL A 28 6.99 6.67 6.11
N ASP A 29 6.97 5.62 6.94
CA ASP A 29 5.72 5.13 7.52
C ASP A 29 4.67 4.98 6.41
N ASP A 30 3.52 5.66 6.54
CA ASP A 30 2.47 5.57 5.52
C ASP A 30 2.43 6.77 4.58
N THR A 31 3.56 7.44 4.43
CA THR A 31 3.62 8.63 3.61
C THR A 31 4.61 8.43 2.49
N GLN A 32 4.11 8.37 1.25
CA GLN A 32 4.97 8.25 0.08
C GLN A 32 5.74 9.55 -0.13
N PHE A 33 7.02 9.48 -0.49
CA PHE A 33 7.75 10.74 -0.65
C PHE A 33 8.56 10.83 -1.92
N VAL A 34 8.82 9.71 -2.59
CA VAL A 34 9.40 9.77 -3.95
C VAL A 34 8.76 8.74 -4.87
N ARG A 35 8.95 8.94 -6.17
CA ARG A 35 8.64 7.90 -7.14
C ARG A 35 9.60 7.95 -8.31
N PHE A 36 9.70 6.82 -9.02
CA PHE A 36 10.44 6.72 -10.28
C PHE A 36 9.67 5.79 -11.20
N ASP A 37 9.57 6.15 -12.46
CA ASP A 37 8.87 5.34 -13.45
C ASP A 37 9.60 5.41 -14.77
N SER A 38 10.11 4.28 -15.23
CA SER A 38 10.92 4.27 -16.43
C SER A 38 10.07 4.56 -17.66
N ASP A 39 8.77 4.33 -17.55
CA ASP A 39 7.84 4.62 -18.65
C ASP A 39 7.45 6.10 -18.75
N ALA A 40 7.88 6.93 -17.80
CA ALA A 40 7.58 8.35 -17.86
C ALA A 40 8.38 9.02 -18.98
N ALA A 41 7.78 10.08 -19.55
CA ALA A 41 8.42 10.91 -20.57
C ALA A 41 9.88 11.17 -20.24
N SER A 42 10.10 11.79 -19.08
CA SER A 42 11.45 12.02 -18.57
C SER A 42 11.61 11.39 -17.20
N PRO A 43 12.03 10.11 -17.17
CA PRO A 43 12.15 9.33 -15.93
C PRO A 43 13.17 9.92 -15.00
N ARG A 44 12.75 10.26 -13.80
CA ARG A 44 13.62 10.79 -12.78
C ARG A 44 13.00 10.49 -11.41
N MET A 45 13.83 10.34 -10.39
CA MET A 45 13.31 10.27 -9.03
C MET A 45 12.69 11.62 -8.73
N ALA A 46 11.40 11.60 -8.37
CA ALA A 46 10.60 12.83 -8.25
C ALA A 46 9.89 12.93 -6.90
N PRO A 47 9.73 14.17 -6.38
CA PRO A 47 9.09 14.38 -5.08
C PRO A 47 7.62 14.00 -5.07
N ARG A 48 7.15 13.39 -3.98
CA ARG A 48 5.71 13.18 -3.79
C ARG A 48 5.26 13.65 -2.41
N ALA A 49 6.13 14.39 -1.73
CA ALA A 49 5.81 14.93 -0.41
C ALA A 49 6.55 16.24 -0.24
N PRO A 50 5.90 17.22 0.40
CA PRO A 50 6.45 18.58 0.47
C PRO A 50 7.81 18.67 1.17
N TRP A 51 8.01 17.89 2.24
CA TRP A 51 9.25 17.95 3.00
C TRP A 51 10.49 17.41 2.28
N ILE A 52 10.30 16.68 1.18
CA ILE A 52 11.45 16.16 0.43
C ILE A 52 11.93 17.17 -0.62
N GLU A 53 11.11 18.16 -0.92
CA GLU A 53 11.43 19.07 -2.05
C GLU A 53 12.63 19.96 -1.76
N GLN A 54 12.94 20.15 -0.48
CA GLN A 54 14.08 20.98 -0.12
C GLN A 54 15.43 20.35 -0.52
N GLU A 55 15.47 19.02 -0.70
CA GLU A 55 16.73 18.37 -1.11
C GLU A 55 17.22 18.95 -2.42
N GLY A 56 18.55 19.11 -2.52
CA GLY A 56 19.14 19.82 -3.63
C GLY A 56 19.36 18.97 -4.89
N PRO A 57 19.77 19.63 -5.98
CA PRO A 57 20.06 19.03 -7.28
C PRO A 57 20.85 17.73 -7.18
N GLU A 58 21.90 17.73 -6.37
CA GLU A 58 22.73 16.56 -6.22
C GLU A 58 21.94 15.36 -5.69
N TYR A 59 21.00 15.63 -4.79
CA TYR A 59 20.16 14.58 -4.24
C TYR A 59 19.41 13.87 -5.36
N TRP A 60 18.57 14.63 -6.04
CA TRP A 60 17.72 14.11 -7.11
C TRP A 60 18.55 13.47 -8.20
N ASP A 61 19.72 14.03 -8.47
CA ASP A 61 20.60 13.47 -9.49
C ASP A 61 21.08 12.11 -9.03
N GLY A 62 21.52 12.01 -7.78
CA GLY A 62 21.96 10.74 -7.22
C GLY A 62 20.89 9.68 -7.25
N GLU A 63 19.74 9.96 -6.65
CA GLU A 63 18.65 9.01 -6.56
C GLU A 63 18.23 8.53 -7.97
N THR A 64 18.16 9.46 -8.91
CA THR A 64 17.79 9.13 -10.29
C THR A 64 18.78 8.16 -10.90
N ARG A 65 20.07 8.48 -10.77
CA ARG A 65 21.13 7.57 -11.21
C ARG A 65 20.99 6.17 -10.62
N ASN A 66 20.68 6.07 -9.32
CA ASN A 66 20.45 4.78 -8.69
C ASN A 66 19.29 4.04 -9.35
N MET A 67 18.25 4.79 -9.71
CA MET A 67 17.03 4.20 -10.23
C MET A 67 17.23 3.66 -11.64
N LYS A 68 18.02 4.37 -12.42
CA LYS A 68 18.34 3.93 -13.76
C LYS A 68 19.21 2.67 -13.72
N ALA A 69 20.26 2.68 -12.91
CA ALA A 69 21.11 1.52 -12.70
C ALA A 69 20.29 0.31 -12.29
N SER A 70 19.53 0.45 -11.20
CA SER A 70 18.66 -0.63 -10.76
C SER A 70 17.70 -1.08 -11.87
N ALA A 71 17.14 -0.13 -12.62
CA ALA A 71 16.24 -0.49 -13.71
C ALA A 71 16.91 -1.51 -14.61
N GLN A 72 18.16 -1.25 -15.00
CA GLN A 72 18.86 -2.12 -15.96
C GLN A 72 19.14 -3.46 -15.31
N THR A 73 19.58 -3.42 -14.05
CA THR A 73 19.88 -4.63 -13.31
C THR A 73 18.67 -5.55 -13.20
N TYR A 74 17.51 -4.99 -12.90
CA TYR A 74 16.31 -5.82 -12.74
C TYR A 74 15.74 -6.28 -14.08
N ARG A 75 16.09 -5.59 -15.16
CA ARG A 75 15.78 -6.12 -16.48
C ARG A 75 16.58 -7.37 -16.74
N GLU A 76 17.85 -7.36 -16.34
CA GLU A 76 18.67 -8.56 -16.51
C GLU A 76 18.20 -9.68 -15.57
N ASN A 77 17.83 -9.34 -14.34
CA ASN A 77 17.26 -10.32 -13.40
C ASN A 77 16.02 -11.03 -13.94
N LEU A 78 15.16 -10.30 -14.66
CA LEU A 78 14.02 -10.92 -15.30
C LEU A 78 14.48 -11.95 -16.32
N ARG A 79 15.51 -11.62 -17.09
CA ARG A 79 16.07 -12.59 -18.05
C ARG A 79 16.64 -13.81 -17.33
N ILE A 80 17.38 -13.53 -16.26
CA ILE A 80 18.01 -14.54 -15.45
C ILE A 80 16.98 -15.49 -14.88
N ALA A 81 15.87 -14.92 -14.43
CA ALA A 81 14.83 -15.69 -13.76
C ALA A 81 14.14 -16.64 -14.73
N LEU A 82 14.01 -16.23 -15.98
CA LEU A 82 13.44 -17.12 -17.00
C LEU A 82 14.24 -18.40 -17.11
N ARG A 83 15.56 -18.27 -17.09
CA ARG A 83 16.40 -19.44 -17.24
C ARG A 83 16.33 -20.33 -16.00
N TYR A 84 16.27 -19.70 -14.82
CA TYR A 84 16.24 -20.47 -13.59
C TYR A 84 14.98 -21.31 -13.49
N TYR A 85 13.89 -20.81 -14.07
CA TYR A 85 12.61 -21.48 -13.95
C TYR A 85 12.20 -22.21 -15.23
N ASN A 86 13.12 -22.28 -16.18
CA ASN A 86 12.89 -22.97 -17.46
C ASN A 86 11.66 -22.43 -18.16
N GLN A 87 11.50 -21.11 -18.12
CA GLN A 87 10.34 -20.48 -18.69
C GLN A 87 10.62 -19.89 -20.08
N SER A 88 9.59 -19.84 -20.91
CA SER A 88 9.67 -19.23 -22.25
C SER A 88 9.73 -17.72 -22.23
N GLU A 89 10.07 -17.14 -23.37
CA GLU A 89 10.26 -15.70 -23.48
C GLU A 89 9.00 -14.95 -23.92
N ALA A 90 7.87 -15.66 -24.01
CA ALA A 90 6.63 -15.06 -24.49
C ALA A 90 5.74 -14.58 -23.34
N GLY A 91 6.07 -15.01 -22.12
CA GLY A 91 5.25 -14.67 -20.98
C GLY A 91 5.67 -13.40 -20.25
N SER A 92 4.74 -12.81 -19.52
CA SER A 92 5.02 -11.63 -18.76
C SER A 92 5.31 -12.04 -17.33
N HIS A 93 6.35 -11.48 -16.73
CA HIS A 93 6.72 -11.82 -15.35
C HIS A 93 7.07 -10.59 -14.55
N ILE A 94 7.01 -10.71 -13.21
CA ILE A 94 7.25 -9.59 -12.30
C ILE A 94 8.28 -9.92 -11.21
N ILE A 95 9.25 -9.02 -11.04
CA ILE A 95 10.12 -9.01 -9.88
C ILE A 95 9.75 -7.84 -8.95
N GLN A 96 9.58 -8.14 -7.67
CA GLN A 96 9.28 -7.12 -6.67
C GLN A 96 10.35 -7.14 -5.61
N VAL A 97 10.70 -5.96 -5.09
CA VAL A 97 11.67 -5.86 -4.01
C VAL A 97 11.18 -4.84 -2.98
N MET A 98 11.24 -5.21 -1.70
CA MET A 98 11.04 -4.22 -0.66
C MET A 98 12.21 -4.26 0.30
N TYR A 99 12.70 -3.08 0.66
CA TYR A 99 13.75 -2.97 1.64
C TYR A 99 13.66 -1.67 2.44
N GLY A 100 14.36 -1.62 3.56
CA GLY A 100 14.35 -0.43 4.36
C GLY A 100 14.66 -0.71 5.81
N CYS A 101 14.47 0.31 6.64
CA CYS A 101 14.86 0.21 8.03
C CYS A 101 13.75 0.71 8.95
N ASP A 102 13.70 0.14 10.15
CA ASP A 102 12.81 0.64 11.20
C ASP A 102 13.67 1.24 12.29
N VAL A 103 13.30 2.44 12.78
CA VAL A 103 13.95 3.02 13.93
C VAL A 103 12.96 3.18 15.09
N GLY A 104 13.48 3.33 16.30
CA GLY A 104 12.64 3.54 17.46
C GLY A 104 12.46 5.02 17.72
N PRO A 105 11.74 5.37 18.80
CA PRO A 105 11.49 6.75 19.20
C PRO A 105 12.77 7.57 19.36
N ASP A 106 13.89 6.90 19.59
CA ASP A 106 15.16 7.57 19.75
C ASP A 106 16.04 7.50 18.51
N GLY A 107 15.51 6.93 17.43
CA GLY A 107 16.22 6.91 16.17
C GLY A 107 17.21 5.77 16.01
N ARG A 108 17.21 4.85 16.98
CA ARG A 108 18.05 3.66 16.94
C ARG A 108 17.45 2.62 15.97
N LEU A 109 18.31 1.97 15.19
CA LEU A 109 17.83 0.94 14.27
C LEU A 109 17.18 -0.22 15.01
N LEU A 110 15.88 -0.44 14.81
CA LEU A 110 15.22 -1.60 15.40
C LEU A 110 15.49 -2.83 14.54
N ARG A 111 15.31 -2.69 13.23
CA ARG A 111 15.61 -3.79 12.31
C ARG A 111 15.60 -3.37 10.84
N GLY A 112 16.24 -4.20 10.01
CA GLY A 112 16.37 -3.96 8.59
C GLY A 112 15.69 -5.02 7.74
N HIS A 113 15.34 -4.65 6.51
CA HIS A 113 14.62 -5.52 5.59
C HIS A 113 15.23 -5.51 4.18
N ASP A 114 15.29 -6.67 3.54
CA ASP A 114 15.52 -6.75 2.09
C ASP A 114 14.94 -8.04 1.55
N GLN A 115 13.77 -7.94 0.93
CA GLN A 115 13.01 -9.07 0.45
C GLN A 115 12.69 -8.91 -1.01
N SER A 116 12.78 -10.01 -1.74
CA SER A 116 12.49 -10.03 -3.17
C SER A 116 11.47 -11.12 -3.50
N ALA A 117 10.71 -10.88 -4.55
CA ALA A 117 9.72 -11.84 -5.02
C ALA A 117 9.79 -11.97 -6.54
N TYR A 118 9.28 -13.10 -7.04
CA TYR A 118 9.16 -13.36 -8.46
C TYR A 118 7.76 -13.86 -8.71
N ASP A 119 7.01 -13.14 -9.54
CA ASP A 119 5.64 -13.49 -9.85
C ASP A 119 4.76 -13.61 -8.61
N GLY A 120 5.00 -12.74 -7.62
CA GLY A 120 4.14 -12.69 -6.43
C GLY A 120 4.49 -13.68 -5.34
N LYS A 121 5.50 -14.51 -5.61
CA LYS A 121 5.93 -15.50 -4.64
C LYS A 121 7.27 -15.11 -4.05
N ASP A 122 7.48 -15.45 -2.78
CA ASP A 122 8.76 -15.19 -2.14
C ASP A 122 9.89 -15.74 -2.98
N TYR A 123 10.93 -14.95 -3.21
CA TYR A 123 12.11 -15.49 -3.88
C TYR A 123 13.29 -15.60 -2.94
N ILE A 124 13.76 -14.48 -2.43
CA ILE A 124 14.85 -14.46 -1.48
C ILE A 124 14.74 -13.27 -0.52
N ALA A 125 15.14 -13.53 0.71
CA ALA A 125 14.98 -12.56 1.79
C ALA A 125 16.24 -12.52 2.64
N LEU A 126 16.72 -11.30 2.88
CA LEU A 126 17.75 -11.05 3.88
C LEU A 126 17.18 -11.33 5.26
N ASN A 127 17.84 -12.17 6.03
CA ASN A 127 17.36 -12.49 7.35
C ASN A 127 17.55 -11.29 8.28
N GLU A 128 16.80 -11.27 9.37
CA GLU A 128 16.94 -10.21 10.37
C GLU A 128 18.38 -9.99 10.87
N ASP A 129 19.23 -11.00 10.78
CA ASP A 129 20.60 -10.84 11.21
C ASP A 129 21.40 -9.95 10.26
N LEU A 130 20.81 -9.67 9.09
CA LEU A 130 21.48 -8.92 8.01
C LEU A 130 22.80 -9.55 7.59
N SER A 131 22.94 -10.86 7.79
CA SER A 131 24.18 -11.53 7.45
C SER A 131 23.94 -12.82 6.64
N SER A 132 22.70 -13.31 6.63
CA SER A 132 22.41 -14.55 5.91
C SER A 132 21.09 -14.46 5.12
N TRP A 133 20.82 -15.48 4.30
CA TRP A 133 19.70 -15.40 3.37
C TRP A 133 18.72 -16.55 3.53
N THR A 134 17.45 -16.26 3.30
CA THR A 134 16.44 -17.30 3.16
C THR A 134 15.96 -17.37 1.71
N ALA A 135 16.23 -18.50 1.06
CA ALA A 135 15.82 -18.68 -0.33
C ALA A 135 14.63 -19.61 -0.42
N ALA A 136 13.66 -19.27 -1.25
CA ALA A 136 12.37 -19.96 -1.21
C ALA A 136 12.35 -21.27 -1.99
N ASP A 137 13.32 -21.46 -2.87
CA ASP A 137 13.33 -22.60 -3.78
C ASP A 137 14.74 -22.80 -4.36
N THR A 138 14.92 -23.83 -5.20
CA THR A 138 16.26 -24.13 -5.71
C THR A 138 16.78 -23.11 -6.74
N ALA A 139 15.90 -22.31 -7.33
CA ALA A 139 16.38 -21.23 -8.18
C ALA A 139 16.97 -20.12 -7.29
N ALA A 140 16.21 -19.70 -6.29
CA ALA A 140 16.72 -18.67 -5.38
C ALA A 140 18.01 -19.11 -4.68
N GLN A 141 18.18 -20.40 -4.45
CA GLN A 141 19.42 -20.91 -3.89
C GLN A 141 20.61 -20.59 -4.78
N ILE A 142 20.37 -20.49 -6.08
CA ILE A 142 21.44 -20.12 -7.02
C ILE A 142 21.85 -18.67 -6.80
N THR A 143 20.86 -17.78 -6.70
CA THR A 143 21.11 -16.38 -6.35
C THR A 143 21.83 -16.28 -5.01
N GLN A 144 21.36 -17.04 -4.03
CA GLN A 144 21.98 -17.05 -2.72
C GLN A 144 23.46 -17.34 -2.80
N ARG A 145 23.85 -18.35 -3.60
CA ARG A 145 25.24 -18.74 -3.61
C ARG A 145 26.07 -17.65 -4.29
N LYS A 146 25.48 -17.01 -5.30
CA LYS A 146 26.09 -15.83 -5.90
C LYS A 146 26.25 -14.69 -4.87
N TRP A 147 25.22 -14.43 -4.07
CA TRP A 147 25.26 -13.31 -3.14
C TRP A 147 26.17 -13.58 -1.93
N GLU A 148 26.29 -14.85 -1.54
CA GLU A 148 27.26 -15.25 -0.55
C GLU A 148 28.67 -15.01 -1.07
N ALA A 149 28.99 -15.54 -2.25
CA ALA A 149 30.32 -15.35 -2.81
C ALA A 149 30.71 -13.85 -2.88
N ALA A 150 29.72 -12.98 -3.07
CA ALA A 150 29.98 -11.56 -3.30
C ALA A 150 29.80 -10.64 -2.08
N ARG A 151 29.64 -11.21 -0.88
CA ARG A 151 29.43 -10.42 0.33
C ARG A 151 28.31 -9.38 0.18
N VAL A 152 27.25 -9.74 -0.52
CA VAL A 152 26.13 -8.82 -0.70
C VAL A 152 25.50 -8.45 0.64
N ALA A 153 25.27 -9.45 1.50
CA ALA A 153 24.67 -9.18 2.79
C ALA A 153 25.48 -8.13 3.55
N GLU A 154 26.80 -8.17 3.38
CA GLU A 154 27.70 -7.23 4.02
C GLU A 154 27.39 -5.79 3.62
N GLN A 155 27.17 -5.60 2.33
CA GLN A 155 26.82 -4.29 1.77
C GLN A 155 25.47 -3.80 2.25
N LEU A 156 24.48 -4.69 2.26
CA LEU A 156 23.15 -4.32 2.72
C LEU A 156 23.20 -3.79 4.15
N ARG A 157 23.88 -4.55 5.02
CA ARG A 157 23.93 -4.23 6.44
C ARG A 157 24.58 -2.86 6.65
N ALA A 158 25.61 -2.57 5.87
CA ALA A 158 26.27 -1.27 5.98
C ALA A 158 25.31 -0.16 5.56
N TYR A 159 24.41 -0.48 4.64
CA TYR A 159 23.41 0.50 4.25
C TYR A 159 22.33 0.64 5.31
N LEU A 160 21.80 -0.49 5.75
CA LEU A 160 20.67 -0.49 6.67
C LEU A 160 21.04 0.07 8.04
N GLU A 161 22.31 -0.09 8.43
CA GLU A 161 22.81 0.47 9.66
C GLU A 161 23.26 1.93 9.51
N GLY A 162 23.64 2.30 8.29
CA GLY A 162 24.19 3.63 8.06
C GLY A 162 23.25 4.61 7.39
N LEU A 163 23.36 4.72 6.08
CA LEU A 163 22.61 5.68 5.29
C LEU A 163 21.10 5.61 5.48
N CYS A 164 20.56 4.40 5.61
CA CYS A 164 19.11 4.22 5.74
C CYS A 164 18.59 4.92 7.00
N VAL A 165 19.24 4.64 8.13
CA VAL A 165 18.84 5.21 9.42
C VAL A 165 19.08 6.72 9.46
N GLU A 166 20.20 7.15 8.88
CA GLU A 166 20.56 8.55 8.88
C GLU A 166 19.58 9.37 8.04
N TRP A 167 19.22 8.85 6.87
CA TRP A 167 18.31 9.58 5.98
C TRP A 167 16.90 9.59 6.55
N LEU A 168 16.49 8.47 7.14
CA LEU A 168 15.18 8.40 7.76
C LEU A 168 15.08 9.46 8.85
N ARG A 169 16.11 9.53 9.70
CA ARG A 169 16.15 10.52 10.78
C ARG A 169 16.06 11.92 10.22
N ARG A 170 16.75 12.17 9.11
CA ARG A 170 16.69 13.49 8.49
C ARG A 170 15.28 13.80 7.97
N TYR A 171 14.64 12.83 7.33
CA TYR A 171 13.26 12.99 6.85
C TYR A 171 12.28 13.26 8.00
N LEU A 172 12.43 12.51 9.09
CA LEU A 172 11.55 12.70 10.24
C LEU A 172 11.68 14.12 10.80
N GLU A 173 12.88 14.68 10.72
CA GLU A 173 13.06 16.05 11.19
C GLU A 173 12.49 17.07 10.18
N ASN A 174 12.78 16.88 8.90
CA ASN A 174 12.32 17.81 7.87
C ASN A 174 10.80 17.82 7.74
N GLY A 175 10.18 16.66 7.97
CA GLY A 175 8.73 16.57 7.94
C GLY A 175 8.09 16.33 9.28
N LYS A 176 8.62 16.93 10.36
CA LYS A 176 8.11 16.66 11.70
C LYS A 176 6.65 17.06 11.88
N GLU A 177 6.22 18.12 11.20
CA GLU A 177 4.84 18.61 11.36
C GLU A 177 3.79 17.55 11.03
N THR A 178 4.17 16.59 10.17
CA THR A 178 3.24 15.58 9.66
C THR A 178 3.71 14.16 10.01
N LEU A 179 4.95 13.85 9.66
CA LEU A 179 5.48 12.52 9.89
C LEU A 179 5.46 12.16 11.39
N GLN A 180 5.67 13.14 12.25
CA GLN A 180 5.60 12.89 13.68
C GLN A 180 4.29 13.36 14.31
N ARG A 181 3.25 13.47 13.50
CA ARG A 181 1.93 13.78 14.04
C ARG A 181 0.96 12.66 13.75
N ALA A 182 0.34 12.14 14.78
CA ALA A 182 -0.75 11.18 14.62
C ALA A 182 -2.09 11.91 14.68
N ASP A 183 -2.95 11.62 13.70
CA ASP A 183 -4.30 12.16 13.71
C ASP A 183 -5.26 11.06 14.14
N PRO A 184 -5.94 11.26 15.27
CA PRO A 184 -6.82 10.20 15.80
C PRO A 184 -8.04 9.98 14.92
N PRO A 185 -8.57 8.75 14.91
CA PRO A 185 -9.83 8.49 14.20
C PRO A 185 -10.99 9.37 14.69
N LYS A 186 -11.79 9.81 13.74
CA LYS A 186 -13.14 10.28 14.06
C LYS A 186 -14.08 9.08 13.99
N THR A 187 -14.82 8.82 15.06
CA THR A 187 -15.56 7.57 15.19
C THR A 187 -17.06 7.77 15.44
N HIS A 188 -17.88 6.89 14.86
CA HIS A 188 -19.31 6.84 15.14
C HIS A 188 -19.83 5.45 14.81
N VAL A 189 -21.04 5.13 15.28
CA VAL A 189 -21.67 3.85 14.97
C VAL A 189 -22.99 4.10 14.25
N THR A 190 -23.25 3.35 13.18
CA THR A 190 -24.52 3.44 12.49
C THR A 190 -25.33 2.15 12.66
N HIS A 191 -26.62 2.24 12.43
CA HIS A 191 -27.54 1.13 12.68
C HIS A 191 -28.53 1.01 11.52
N HIS A 192 -28.58 -0.17 10.90
CA HIS A 192 -29.52 -0.39 9.82
C HIS A 192 -30.16 -1.76 9.96
N PRO A 193 -31.49 -1.80 10.05
CA PRO A 193 -32.15 -3.10 10.15
C PRO A 193 -32.01 -3.91 8.86
N ILE A 194 -31.96 -5.23 9.02
CA ILE A 194 -31.94 -6.14 7.89
C ILE A 194 -33.36 -6.66 7.67
N SER A 195 -34.02 -6.94 8.79
CA SER A 195 -35.34 -7.55 8.80
C SER A 195 -36.01 -7.18 10.09
N ASP A 196 -37.08 -7.90 10.43
CA ASP A 196 -37.71 -7.77 11.74
C ASP A 196 -36.74 -8.15 12.86
N HIS A 197 -35.93 -9.18 12.58
CA HIS A 197 -35.17 -9.89 13.62
C HIS A 197 -33.72 -9.44 13.75
N GLU A 198 -33.16 -8.84 12.71
CA GLU A 198 -31.73 -8.54 12.72
C GLU A 198 -31.43 -7.13 12.22
N ALA A 199 -30.35 -6.55 12.74
CA ALA A 199 -29.91 -5.22 12.34
C ALA A 199 -28.40 -5.18 12.22
N THR A 200 -27.89 -4.32 11.33
CA THR A 200 -26.46 -4.12 11.22
C THR A 200 -25.99 -2.93 12.03
N LEU A 201 -25.00 -3.16 12.88
CA LEU A 201 -24.27 -2.09 13.53
C LEU A 201 -22.92 -1.97 12.86
N ARG A 202 -22.57 -0.77 12.45
CA ARG A 202 -21.30 -0.57 11.74
C ARG A 202 -20.48 0.51 12.41
N CYS A 203 -19.32 0.12 12.93
CA CYS A 203 -18.42 1.04 13.61
C CYS A 203 -17.40 1.61 12.65
N TRP A 204 -17.41 2.94 12.55
CA TRP A 204 -16.60 3.71 11.63
C TRP A 204 -15.40 4.40 12.28
N ALA A 205 -14.29 4.39 11.56
CA ALA A 205 -13.13 5.23 11.90
C ALA A 205 -12.69 6.01 10.66
N LEU A 206 -12.67 7.33 10.76
CA LEU A 206 -12.30 8.18 9.64
C LEU A 206 -11.17 9.15 9.96
N GLY A 207 -10.40 9.50 8.94
CA GLY A 207 -9.51 10.63 9.04
C GLY A 207 -8.30 10.41 9.93
N PHE A 208 -7.92 9.15 10.13
CA PHE A 208 -6.79 8.88 11.01
C PHE A 208 -5.45 8.67 10.30
N TYR A 209 -4.39 8.95 11.03
CA TYR A 209 -3.04 8.72 10.55
C TYR A 209 -2.20 8.38 11.76
N PRO A 210 -1.34 7.34 11.64
CA PRO A 210 -1.07 6.49 10.47
C PRO A 210 -2.14 5.42 10.26
N ALA A 211 -1.93 4.50 9.32
CA ALA A 211 -2.98 3.57 8.93
C ALA A 211 -3.31 2.53 10.00
N GLU A 212 -2.31 2.12 10.76
CA GLU A 212 -2.50 1.07 11.76
C GLU A 212 -3.61 1.43 12.75
N ILE A 213 -4.57 0.54 12.92
CA ILE A 213 -5.74 0.80 13.75
C ILE A 213 -6.36 -0.53 14.11
N THR A 214 -7.04 -0.60 15.25
CA THR A 214 -7.79 -1.81 15.58
C THR A 214 -9.23 -1.49 15.96
N LEU A 215 -10.17 -2.04 15.20
CA LEU A 215 -11.61 -1.90 15.40
C LEU A 215 -12.23 -3.23 15.73
N THR A 216 -12.83 -3.35 16.92
CA THR A 216 -13.44 -4.62 17.30
C THR A 216 -14.82 -4.43 17.93
N TRP A 217 -15.69 -5.42 17.69
CA TRP A 217 -16.99 -5.44 18.32
C TRP A 217 -17.01 -6.46 19.45
N GLN A 218 -17.51 -6.04 20.61
CA GLN A 218 -17.76 -6.97 21.69
C GLN A 218 -19.25 -7.13 21.95
N ARG A 219 -19.68 -8.36 22.19
CA ARG A 219 -21.05 -8.61 22.61
C ARG A 219 -21.02 -9.15 24.03
N ASP A 220 -21.66 -8.45 24.94
CA ASP A 220 -21.59 -8.77 26.36
C ASP A 220 -20.13 -8.81 26.81
N GLY A 221 -19.29 -7.98 26.17
CA GLY A 221 -17.90 -7.85 26.56
C GLY A 221 -16.96 -8.89 25.95
N GLU A 222 -17.51 -9.72 25.08
CA GLU A 222 -16.74 -10.77 24.42
C GLU A 222 -16.49 -10.45 22.95
N ASP A 223 -15.23 -10.48 22.53
CA ASP A 223 -14.86 -10.20 21.14
C ASP A 223 -15.67 -11.03 20.15
N GLN A 224 -16.23 -10.37 19.15
CA GLN A 224 -16.97 -11.06 18.10
C GLN A 224 -16.10 -11.27 16.86
N THR A 225 -14.90 -11.79 17.07
CA THR A 225 -13.91 -11.90 16.01
C THR A 225 -14.45 -12.62 14.78
N GLN A 226 -14.85 -13.87 14.94
CA GLN A 226 -15.30 -14.68 13.82
C GLN A 226 -16.63 -14.18 13.28
N ASP A 227 -17.26 -13.24 13.98
CA ASP A 227 -18.58 -12.73 13.58
C ASP A 227 -18.58 -11.29 13.08
N THR A 228 -17.42 -10.65 13.02
CA THR A 228 -17.39 -9.25 12.61
C THR A 228 -16.88 -9.12 11.17
N GLU A 229 -17.59 -8.33 10.36
CA GLU A 229 -17.09 -8.03 9.02
C GLU A 229 -16.17 -6.83 9.08
N LEU A 230 -14.91 -7.09 8.76
CA LEU A 230 -13.84 -6.10 8.86
C LEU A 230 -13.32 -5.75 7.46
N VAL A 231 -13.59 -4.53 6.98
CA VAL A 231 -13.11 -4.10 5.68
C VAL A 231 -11.65 -3.59 5.75
N GLU A 232 -10.93 -3.77 4.64
CA GLU A 232 -9.55 -3.28 4.54
C GLU A 232 -9.43 -1.79 4.77
N THR A 233 -8.43 -1.41 5.56
CA THR A 233 -8.09 0.00 5.73
C THR A 233 -7.80 0.63 4.36
N ARG A 234 -8.43 1.77 4.09
CA ARG A 234 -8.37 2.40 2.78
C ARG A 234 -7.92 3.86 2.88
N PRO A 235 -7.14 4.33 1.90
CA PRO A 235 -6.64 5.70 1.97
C PRO A 235 -7.74 6.66 1.59
N ALA A 236 -7.76 7.83 2.21
CA ALA A 236 -8.80 8.80 1.92
C ALA A 236 -8.40 9.71 0.75
N GLY A 237 -7.10 9.84 0.51
CA GLY A 237 -6.60 10.78 -0.46
C GLY A 237 -6.11 12.10 0.12
N ASP A 238 -6.29 12.29 1.43
CA ASP A 238 -5.79 13.51 2.09
C ASP A 238 -4.70 13.25 3.13
N ARG A 239 -4.02 12.11 2.96
CA ARG A 239 -3.02 11.50 3.88
C ARG A 239 -3.66 10.50 4.84
N THR A 240 -4.92 10.69 5.16
CA THR A 240 -5.53 9.85 6.18
C THR A 240 -6.19 8.59 5.66
N PHE A 241 -6.65 7.76 6.60
CA PHE A 241 -7.23 6.47 6.28
C PHE A 241 -8.61 6.31 6.89
N GLN A 242 -9.29 5.28 6.41
CA GLN A 242 -10.65 4.96 6.79
C GLN A 242 -10.78 3.45 6.98
N LYS A 243 -11.67 3.04 7.87
CA LYS A 243 -11.94 1.63 8.05
C LYS A 243 -13.30 1.49 8.71
N TRP A 244 -13.98 0.37 8.54
CA TRP A 244 -15.10 0.09 9.43
C TRP A 244 -15.17 -1.40 9.77
N ALA A 245 -16.05 -1.71 10.73
CA ALA A 245 -16.25 -3.04 11.26
C ALA A 245 -17.73 -3.24 11.56
N ALA A 246 -18.32 -4.30 11.03
CA ALA A 246 -19.76 -4.48 11.12
C ALA A 246 -20.13 -5.80 11.74
N VAL A 247 -21.22 -5.79 12.48
CA VAL A 247 -21.74 -7.01 13.09
C VAL A 247 -23.25 -7.05 12.91
N VAL A 248 -23.79 -8.24 12.72
CA VAL A 248 -25.22 -8.43 12.59
C VAL A 248 -25.80 -8.87 13.93
N VAL A 249 -26.68 -8.05 14.48
CA VAL A 249 -27.18 -8.26 15.84
C VAL A 249 -28.69 -8.46 15.86
N PRO A 250 -29.17 -9.25 16.84
CA PRO A 250 -30.60 -9.45 17.02
C PRO A 250 -31.31 -8.15 17.44
N SER A 251 -32.42 -7.84 16.79
CA SER A 251 -33.17 -6.63 17.10
C SER A 251 -33.57 -6.64 18.55
N GLY A 252 -33.24 -5.55 19.24
CA GLY A 252 -33.53 -5.43 20.65
C GLY A 252 -32.30 -5.67 21.51
N GLU A 253 -31.21 -6.12 20.89
CA GLU A 253 -29.99 -6.38 21.67
C GLU A 253 -28.83 -5.45 21.32
N GLU A 254 -29.13 -4.36 20.61
CA GLU A 254 -28.08 -3.43 20.17
C GLU A 254 -27.22 -2.87 21.33
N GLN A 255 -27.80 -2.70 22.51
CA GLN A 255 -27.02 -2.11 23.58
C GLN A 255 -26.08 -3.14 24.24
N ARG A 256 -26.13 -4.39 23.80
CA ARG A 256 -25.20 -5.39 24.31
C ARG A 256 -23.92 -5.38 23.49
N TYR A 257 -23.89 -4.51 22.48
CA TYR A 257 -22.73 -4.42 21.61
C TYR A 257 -21.96 -3.13 21.80
N THR A 258 -20.64 -3.24 21.89
CA THR A 258 -19.78 -2.07 22.02
C THR A 258 -18.66 -2.13 20.99
N CYS A 259 -18.30 -0.98 20.43
CA CYS A 259 -17.17 -0.92 19.51
C CYS A 259 -15.95 -0.42 20.22
N HIS A 260 -14.81 -1.02 19.91
CA HIS A 260 -13.57 -0.68 20.59
C HIS A 260 -12.53 -0.22 19.58
N VAL A 261 -12.02 0.98 19.81
CA VAL A 261 -11.07 1.63 18.89
C VAL A 261 -9.71 1.88 19.55
N GLN A 262 -8.67 1.26 18.98
CA GLN A 262 -7.29 1.49 19.36
C GLN A 262 -6.52 2.17 18.25
N HIS A 263 -5.87 3.29 18.56
CA HIS A 263 -5.05 4.01 17.59
C HIS A 263 -4.03 4.87 18.29
N GLU A 264 -2.88 5.03 17.66
CA GLU A 264 -1.78 5.81 18.20
C GLU A 264 -2.15 7.26 18.59
N GLY A 265 -3.10 7.84 17.86
CA GLY A 265 -3.54 9.20 18.10
C GLY A 265 -4.40 9.33 19.35
N LEU A 266 -4.82 8.19 19.89
CA LEU A 266 -5.72 8.16 21.03
C LEU A 266 -4.93 7.83 22.28
N PRO A 267 -5.02 8.69 23.31
CA PRO A 267 -4.33 8.45 24.59
C PRO A 267 -4.69 7.09 25.18
N LYS A 268 -5.98 6.76 25.22
CA LYS A 268 -6.40 5.42 25.60
C LYS A 268 -7.52 4.94 24.67
N PRO A 269 -7.70 3.61 24.56
CA PRO A 269 -8.74 3.06 23.68
C PRO A 269 -10.12 3.66 23.93
N LEU A 270 -10.92 3.76 22.87
CA LEU A 270 -12.25 4.34 22.95
C LEU A 270 -13.33 3.27 22.85
N THR A 271 -14.38 3.42 23.63
CA THR A 271 -15.52 2.51 23.53
C THR A 271 -16.76 3.27 23.03
N LEU A 272 -17.36 2.76 21.95
CA LEU A 272 -18.54 3.35 21.32
C LEU A 272 -19.74 2.43 21.36
N ARG A 273 -20.93 3.02 21.43
CA ARG A 273 -22.16 2.26 21.26
C ARG A 273 -23.06 2.97 20.26
N TRP A 274 -24.13 2.30 19.85
CA TRP A 274 -25.13 2.93 19.01
C TRP A 274 -25.99 3.87 19.85
N GLU A 275 -26.16 5.10 19.38
CA GLU A 275 -27.01 6.07 20.07
C GLU A 275 -28.40 6.23 19.45
N ILE B 1 -1.44 -18.79 -9.11
CA ILE B 1 -0.54 -17.90 -9.83
C ILE B 1 -1.05 -16.46 -9.82
N GLN B 2 -2.36 -16.26 -9.71
CA GLN B 2 -2.94 -14.93 -9.87
C GLN B 2 -3.96 -14.59 -8.79
N ARG B 3 -4.08 -13.30 -8.49
CA ARG B 3 -4.95 -12.81 -7.41
C ARG B 3 -5.87 -11.66 -7.85
N THR B 4 -7.16 -11.82 -7.55
CA THR B 4 -8.20 -10.94 -8.05
C THR B 4 -8.37 -9.72 -7.12
N PRO B 5 -8.65 -8.53 -7.69
CA PRO B 5 -8.74 -7.29 -6.92
C PRO B 5 -9.89 -7.26 -5.94
N LYS B 6 -9.60 -6.79 -4.73
CA LYS B 6 -10.64 -6.30 -3.83
C LYS B 6 -10.97 -4.88 -4.26
N ILE B 7 -12.26 -4.54 -4.26
CA ILE B 7 -12.71 -3.23 -4.73
C ILE B 7 -13.52 -2.49 -3.65
N GLN B 8 -13.09 -1.28 -3.28
CA GLN B 8 -13.94 -0.41 -2.46
C GLN B 8 -14.19 0.93 -3.14
N VAL B 9 -15.45 1.35 -3.16
CA VAL B 9 -15.84 2.64 -3.70
C VAL B 9 -16.42 3.51 -2.61
N TYR B 10 -15.93 4.74 -2.48
CA TYR B 10 -16.24 5.58 -1.32
C TYR B 10 -15.81 7.04 -1.50
N SER B 11 -16.18 7.91 -0.55
CA SER B 11 -15.85 9.34 -0.68
C SER B 11 -14.78 9.75 0.33
N ARG B 12 -13.97 10.75 -0.02
CA ARG B 12 -12.92 11.22 0.87
C ARG B 12 -13.47 11.74 2.19
N HIS B 13 -14.50 12.58 2.10
CA HIS B 13 -15.21 13.09 3.26
C HIS B 13 -16.65 12.55 3.25
N PRO B 14 -17.33 12.53 4.41
CA PRO B 14 -18.72 12.05 4.34
C PRO B 14 -19.56 12.91 3.40
N ALA B 15 -20.47 12.28 2.66
CA ALA B 15 -21.11 12.95 1.54
C ALA B 15 -22.24 13.88 1.95
N GLU B 16 -22.18 15.10 1.44
CA GLU B 16 -23.28 16.04 1.59
C GLU B 16 -23.68 16.57 0.21
N ASN B 17 -24.92 16.28 -0.20
CA ASN B 17 -25.46 16.75 -1.47
C ASN B 17 -25.17 18.23 -1.70
N GLY B 18 -24.66 18.57 -2.88
CA GLY B 18 -24.36 19.94 -3.21
C GLY B 18 -22.99 20.42 -2.77
N LYS B 19 -22.35 19.70 -1.84
CA LYS B 19 -21.04 20.08 -1.33
C LYS B 19 -19.94 19.20 -1.94
N SER B 20 -18.84 19.84 -2.34
CA SER B 20 -17.83 19.17 -3.15
C SER B 20 -17.00 18.16 -2.34
N ASN B 21 -16.48 17.15 -3.03
CA ASN B 21 -15.90 16.01 -2.36
C ASN B 21 -14.91 15.31 -3.29
N PHE B 22 -14.35 14.19 -2.87
CA PHE B 22 -13.59 13.36 -3.78
C PHE B 22 -14.19 11.97 -3.77
N LEU B 23 -14.35 11.41 -4.96
CA LEU B 23 -14.81 10.03 -5.10
C LEU B 23 -13.61 9.13 -5.31
N ASN B 24 -13.54 8.06 -4.52
CA ASN B 24 -12.42 7.13 -4.53
C ASN B 24 -12.80 5.72 -4.94
N CYS B 25 -11.97 5.09 -5.77
CA CYS B 25 -12.03 3.65 -5.94
C CYS B 25 -10.66 3.05 -5.57
N TYR B 26 -10.65 2.28 -4.50
CA TYR B 26 -9.42 1.67 -3.99
C TYR B 26 -9.40 0.21 -4.36
N VAL B 27 -8.44 -0.15 -5.21
CA VAL B 27 -8.31 -1.53 -5.61
C VAL B 27 -7.06 -2.10 -4.97
N SER B 28 -7.16 -3.31 -4.46
CA SER B 28 -6.05 -3.90 -3.71
C SER B 28 -6.04 -5.42 -3.80
N GLY B 29 -4.96 -6.01 -3.30
CA GLY B 29 -4.82 -7.45 -3.24
C GLY B 29 -4.72 -8.20 -4.56
N PHE B 30 -4.36 -7.51 -5.63
CA PHE B 30 -4.35 -8.17 -6.93
C PHE B 30 -2.94 -8.44 -7.47
N HIS B 31 -2.85 -9.42 -8.34
CA HIS B 31 -1.57 -9.79 -8.93
C HIS B 31 -1.90 -10.58 -10.19
N PRO B 32 -1.27 -10.23 -11.33
CA PRO B 32 -0.26 -9.22 -11.59
C PRO B 32 -0.78 -7.79 -11.48
N SER B 33 0.04 -6.82 -11.82
CA SER B 33 -0.26 -5.42 -11.56
C SER B 33 -1.13 -4.76 -12.63
N ASP B 34 -1.10 -5.26 -13.86
CA ASP B 34 -1.93 -4.66 -14.89
C ASP B 34 -3.39 -4.67 -14.47
N ILE B 35 -4.01 -3.49 -14.45
CA ILE B 35 -5.43 -3.39 -14.10
C ILE B 35 -6.13 -2.22 -14.85
N GLU B 36 -7.42 -2.36 -15.08
CA GLU B 36 -8.17 -1.29 -15.73
C GLU B 36 -9.28 -0.82 -14.79
N VAL B 37 -9.27 0.47 -14.46
CA VAL B 37 -10.26 1.02 -13.54
C VAL B 37 -10.89 2.28 -14.13
N ASP B 38 -12.22 2.25 -14.22
CA ASP B 38 -12.99 3.43 -14.59
C ASP B 38 -13.88 3.87 -13.43
N LEU B 39 -14.02 5.18 -13.28
CA LEU B 39 -15.01 5.69 -12.35
C LEU B 39 -16.19 6.09 -13.19
N LEU B 40 -17.40 5.70 -12.76
CA LEU B 40 -18.62 5.89 -13.53
C LEU B 40 -19.59 6.87 -12.90
N LYS B 41 -20.15 7.75 -13.74
CA LYS B 41 -21.20 8.69 -13.34
C LYS B 41 -22.48 8.40 -14.14
N ASN B 42 -23.50 7.86 -13.48
CA ASN B 42 -24.68 7.34 -14.16
C ASN B 42 -24.34 6.47 -15.37
N GLY B 43 -23.44 5.51 -15.17
CA GLY B 43 -23.08 4.56 -16.22
C GLY B 43 -22.04 5.06 -17.21
N GLU B 44 -21.62 6.30 -17.07
CA GLU B 44 -20.67 6.92 -18.00
C GLU B 44 -19.27 7.03 -17.39
N ARG B 45 -18.26 6.85 -18.21
CA ARG B 45 -16.87 6.90 -17.77
C ARG B 45 -16.40 8.33 -17.58
N ILE B 46 -15.95 8.65 -16.37
CA ILE B 46 -15.47 9.99 -16.07
C ILE B 46 -14.06 10.20 -16.64
N GLU B 47 -13.82 11.37 -17.23
CA GLU B 47 -12.57 11.63 -17.93
C GLU B 47 -11.40 11.92 -17.00
N LYS B 48 -11.60 12.87 -16.10
CA LYS B 48 -10.49 13.37 -15.29
C LYS B 48 -10.36 12.58 -14.01
N VAL B 49 -9.85 11.36 -14.14
CA VAL B 49 -9.52 10.54 -12.99
C VAL B 49 -8.01 10.39 -12.89
N GLU B 50 -7.50 10.51 -11.67
CA GLU B 50 -6.09 10.29 -11.44
C GLU B 50 -5.89 9.06 -10.55
N HIS B 51 -4.65 8.73 -10.28
CA HIS B 51 -4.39 7.58 -9.43
C HIS B 51 -3.02 7.63 -8.80
N SER B 52 -2.92 6.99 -7.64
CA SER B 52 -1.68 6.86 -6.89
C SER B 52 -0.63 6.11 -7.70
N ASP B 53 0.64 6.19 -7.28
CA ASP B 53 1.69 5.41 -7.93
C ASP B 53 1.59 3.95 -7.50
N LEU B 54 1.87 3.04 -8.44
CA LEU B 54 1.79 1.60 -8.14
C LEU B 54 2.70 1.22 -6.98
N SER B 55 2.11 0.60 -5.95
CA SER B 55 2.84 0.06 -4.81
C SER B 55 2.24 -1.27 -4.43
N PHE B 56 2.85 -1.97 -3.47
CA PHE B 56 2.31 -3.27 -3.06
C PHE B 56 2.41 -3.50 -1.55
N SER B 57 1.68 -4.51 -1.10
CA SER B 57 1.59 -4.85 0.30
C SER B 57 2.61 -5.94 0.65
N LYS B 58 2.70 -6.25 1.94
CA LYS B 58 3.68 -7.22 2.45
C LYS B 58 3.54 -8.60 1.80
N ASP B 59 2.35 -8.90 1.29
CA ASP B 59 2.10 -10.18 0.67
C ASP B 59 2.34 -10.10 -0.84
N TRP B 60 2.99 -9.02 -1.25
CA TRP B 60 3.35 -8.75 -2.66
C TRP B 60 2.16 -8.35 -3.53
N SER B 61 0.97 -8.28 -2.95
CA SER B 61 -0.18 -7.90 -3.76
C SER B 61 -0.21 -6.38 -3.97
N PHE B 62 -0.66 -5.96 -5.15
CA PHE B 62 -0.63 -4.55 -5.57
C PHE B 62 -1.86 -3.77 -5.11
N TYR B 63 -1.71 -2.46 -4.94
CA TYR B 63 -2.85 -1.61 -4.64
C TYR B 63 -2.74 -0.25 -5.31
N LEU B 64 -3.90 0.27 -5.69
CA LEU B 64 -4.00 1.55 -6.36
C LEU B 64 -5.22 2.32 -5.88
N LEU B 65 -5.08 3.63 -5.75
CA LEU B 65 -6.21 4.48 -5.45
C LEU B 65 -6.58 5.36 -6.65
N TYR B 66 -7.80 5.21 -7.14
CA TYR B 66 -8.27 6.04 -8.25
C TYR B 66 -9.23 7.05 -7.66
N TYR B 67 -9.10 8.31 -8.06
CA TYR B 67 -9.89 9.38 -7.45
C TYR B 67 -10.23 10.51 -8.40
N THR B 68 -11.31 11.21 -8.10
CA THR B 68 -11.71 12.36 -8.90
C THR B 68 -12.58 13.32 -8.08
N GLU B 69 -12.45 14.61 -8.34
CA GLU B 69 -13.34 15.64 -7.73
C GLU B 69 -14.78 15.39 -8.15
N PHE B 70 -15.69 15.44 -7.19
CA PHE B 70 -17.10 15.37 -7.55
C PHE B 70 -17.97 16.01 -6.48
N THR B 71 -19.17 16.36 -6.90
CA THR B 71 -20.19 16.92 -6.03
C THR B 71 -21.41 16.02 -6.04
N PRO B 72 -21.65 15.31 -4.93
CA PRO B 72 -22.84 14.46 -4.85
C PRO B 72 -24.14 15.26 -4.93
N THR B 73 -25.09 14.71 -5.69
CA THR B 73 -26.46 15.19 -5.70
C THR B 73 -27.31 14.01 -5.24
N GLU B 74 -28.60 14.23 -5.03
CA GLU B 74 -29.43 13.16 -4.51
C GLU B 74 -29.77 12.16 -5.61
N LYS B 75 -29.62 12.58 -6.86
CA LYS B 75 -30.03 11.77 -7.99
C LYS B 75 -28.88 11.02 -8.66
N ASP B 76 -27.72 11.66 -8.77
CA ASP B 76 -26.59 11.09 -9.53
C ASP B 76 -25.99 9.88 -8.82
N GLU B 77 -25.84 8.78 -9.54
CA GLU B 77 -25.28 7.59 -8.94
C GLU B 77 -23.89 7.35 -9.49
N TYR B 78 -23.04 6.75 -8.66
CA TYR B 78 -21.65 6.55 -9.02
C TYR B 78 -21.24 5.11 -8.84
N ALA B 79 -20.21 4.73 -9.58
CA ALA B 79 -19.71 3.36 -9.52
C ALA B 79 -18.24 3.30 -9.94
N CYS B 80 -17.62 2.17 -9.63
CA CYS B 80 -16.29 1.88 -10.10
C CYS B 80 -16.34 0.62 -10.97
N ARG B 81 -15.76 0.71 -12.16
CA ARG B 81 -15.71 -0.44 -13.07
C ARG B 81 -14.29 -0.97 -13.14
N VAL B 82 -14.09 -2.24 -12.81
CA VAL B 82 -12.74 -2.81 -12.74
C VAL B 82 -12.58 -4.04 -13.62
N ASN B 83 -11.52 -4.05 -14.43
CA ASN B 83 -11.16 -5.27 -15.13
C ASN B 83 -9.75 -5.74 -14.79
N HIS B 84 -9.58 -7.05 -14.73
CA HIS B 84 -8.33 -7.69 -14.37
C HIS B 84 -8.25 -9.03 -15.09
N VAL B 85 -7.05 -9.59 -15.22
CA VAL B 85 -6.86 -10.83 -15.98
C VAL B 85 -7.64 -11.99 -15.36
N THR B 86 -7.85 -11.90 -14.05
CA THR B 86 -8.59 -12.87 -13.27
C THR B 86 -10.09 -12.79 -13.51
N LEU B 87 -10.56 -11.67 -14.07
CA LEU B 87 -12.00 -11.43 -14.23
C LEU B 87 -12.47 -11.59 -15.67
N SER B 88 -13.50 -12.40 -15.86
CA SER B 88 -14.07 -12.65 -17.17
C SER B 88 -14.64 -11.37 -17.77
N GLN B 89 -15.54 -10.73 -17.05
CA GLN B 89 -16.15 -9.46 -17.44
C GLN B 89 -15.70 -8.39 -16.46
N PRO B 90 -15.77 -7.11 -16.85
CA PRO B 90 -15.53 -6.05 -15.86
C PRO B 90 -16.47 -6.15 -14.66
N LYS B 91 -15.94 -5.96 -13.46
CA LYS B 91 -16.75 -6.01 -12.24
C LYS B 91 -17.10 -4.59 -11.81
N ILE B 92 -18.36 -4.39 -11.43
CA ILE B 92 -18.86 -3.05 -11.11
C ILE B 92 -19.38 -2.95 -9.69
N VAL B 93 -18.83 -2.00 -8.94
CA VAL B 93 -19.25 -1.75 -7.57
C VAL B 93 -19.87 -0.37 -7.48
N LYS B 94 -21.14 -0.32 -7.07
CA LYS B 94 -21.83 0.94 -6.85
C LYS B 94 -21.35 1.61 -5.57
N TRP B 95 -21.20 2.93 -5.63
CA TRP B 95 -20.94 3.69 -4.42
C TRP B 95 -22.21 3.72 -3.60
N ASP B 96 -22.14 3.36 -2.33
CA ASP B 96 -23.32 3.45 -1.49
C ASP B 96 -23.14 4.60 -0.50
N ARG B 97 -23.86 5.69 -0.75
CA ARG B 97 -23.76 6.95 0.00
C ARG B 97 -24.09 6.82 1.49
N ASP B 98 -24.95 5.87 1.84
CA ASP B 98 -25.39 5.72 3.22
C ASP B 98 -24.21 5.34 4.08
N MET B 99 -23.23 4.72 3.44
CA MET B 99 -21.95 4.43 4.04
C MET B 99 -20.91 5.46 3.59
N SER C 1 23.05 9.67 -0.24
CA SER C 1 22.16 8.83 -1.02
C SER C 1 21.18 8.08 -0.13
N SER C 2 19.90 8.12 -0.49
CA SER C 2 18.86 7.51 0.32
C SER C 2 18.40 6.10 -0.10
N THR C 3 18.14 5.88 -1.39
CA THR C 3 18.05 4.50 -1.91
C THR C 3 19.41 3.83 -1.70
N ARG C 4 19.49 2.50 -1.83
CA ARG C 4 20.82 1.94 -1.75
C ARG C 4 21.46 1.96 -3.12
N GLY C 5 22.65 2.56 -3.20
CA GLY C 5 23.45 2.56 -4.41
C GLY C 5 24.00 1.17 -4.70
N ILE C 6 23.26 0.18 -4.19
CA ILE C 6 23.52 -1.23 -4.37
C ILE C 6 22.40 -1.71 -5.30
N SER C 7 22.68 -2.79 -6.03
CA SER C 7 21.67 -3.52 -6.79
C SER C 7 22.39 -4.72 -7.38
N GLN C 8 21.82 -5.92 -7.21
CA GLN C 8 22.55 -7.17 -7.48
C GLN C 8 21.93 -8.08 -8.55
N LEU C 9 22.78 -8.64 -9.39
CA LEU C 9 22.34 -9.66 -10.36
C LEU C 9 21.87 -10.90 -9.62
N TRP C 10 20.82 -11.52 -10.13
CA TRP C 10 20.30 -12.76 -9.58
C TRP C 10 21.13 -13.97 -10.01
#